data_2P9H
#
_entry.id   2P9H
#
_cell.length_a   77.125
_cell.length_b   77.125
_cell.length_c   210.583
_cell.angle_alpha   90.00
_cell.angle_beta   90.00
_cell.angle_gamma   90.00
#
_symmetry.space_group_name_H-M   'P 41 21 2'
#
loop_
_entity.id
_entity.type
_entity.pdbx_description
1 polymer 'Lactose operon repressor'
2 non-polymer '1-methylethyl 1-thio-beta-D-galactopyranoside'
3 water water
#
_entity_poly.entity_id   1
_entity_poly.type   'polypeptide(L)'
_entity_poly.pdbx_seq_one_letter_code
;LLIGVATSSLALHAPSQIVAAIKSRADQLGASVVVSMVERSGVEACKAAVHNLLAQRVSGLIINYPLDDQDAIAVEAACT
NVPALFLDVSDQTPINSIIFSHEDGTRLGVEHLVALGHQQIALLAGPLSSVSARLRLAGWHKYLTRNQIQPIAEREGDWS
AMSGFQQTMQMLNEGIVPTAMLVANDQMALGAMRAITESGLRVGADISVVGYDDTEDSSCYIPPLTTIKQDFRLLGQTSV
DRLLQLSQGQAVKGNQLLPVSLVKRKTTL
;
_entity_poly.pdbx_strand_id   A,B
#
# COMPACT_ATOMS: atom_id res chain seq x y z
N LEU A 1 -1.81 26.71 2.37
CA LEU A 1 -1.69 25.81 3.57
C LEU A 1 -2.81 24.75 3.76
N LEU A 2 -3.72 24.64 2.81
CA LEU A 2 -4.51 23.40 2.71
C LEU A 2 -4.40 22.83 1.30
N ILE A 3 -3.64 21.75 1.14
CA ILE A 3 -3.51 21.18 -0.18
C ILE A 3 -4.48 20.00 -0.32
N GLY A 4 -5.22 19.93 -1.42
CA GLY A 4 -6.04 18.75 -1.74
C GLY A 4 -5.27 17.85 -2.69
N VAL A 5 -5.29 16.54 -2.43
CA VAL A 5 -4.69 15.51 -3.34
C VAL A 5 -5.81 14.63 -3.85
N ALA A 6 -5.97 14.58 -5.18
CA ALA A 6 -6.88 13.65 -5.80
C ALA A 6 -6.02 12.47 -6.30
N THR A 7 -6.33 11.27 -5.87
CA THR A 7 -5.38 10.16 -6.08
C THR A 7 -6.10 8.98 -6.65
N SER A 8 -5.40 8.27 -7.51
CA SER A 8 -5.85 6.95 -7.91
C SER A 8 -5.78 6.02 -6.69
N SER A 9 -6.40 4.85 -6.83
CA SER A 9 -6.66 3.92 -5.74
C SER A 9 -5.46 3.78 -4.82
N LEU A 10 -5.73 3.89 -3.52
CA LEU A 10 -4.71 3.78 -2.50
C LEU A 10 -4.34 2.32 -2.22
N ALA A 11 -5.16 1.40 -2.72
CA ALA A 11 -4.81 -0.04 -2.71
C ALA A 11 -3.58 -0.34 -3.53
N LEU A 12 -3.17 0.61 -4.38
CA LEU A 12 -1.93 0.48 -5.12
C LEU A 12 -0.89 1.20 -4.33
N HIS A 13 0.26 0.59 -4.22
CA HIS A 13 1.28 1.06 -3.31
C HIS A 13 1.96 2.38 -3.74
N ALA A 14 2.07 2.64 -5.04
CA ALA A 14 2.79 3.87 -5.43
C ALA A 14 1.96 5.10 -5.01
N PRO A 15 0.64 5.14 -5.32
CA PRO A 15 -0.17 6.30 -4.91
C PRO A 15 -0.15 6.53 -3.41
N SER A 16 -0.07 5.44 -2.60
CA SER A 16 -0.07 5.59 -1.12
C SER A 16 1.24 6.24 -0.66
N GLN A 17 2.34 5.85 -1.30
CA GLN A 17 3.66 6.42 -0.99
C GLN A 17 3.74 7.86 -1.44
N ILE A 18 3.13 8.14 -2.57
CA ILE A 18 3.11 9.53 -3.03
C ILE A 18 2.32 10.42 -2.07
N VAL A 19 1.16 9.95 -1.67
CA VAL A 19 0.35 10.66 -0.70
C VAL A 19 1.15 10.91 0.62
N ALA A 20 1.90 9.89 1.07
CA ALA A 20 2.69 9.99 2.28
C ALA A 20 3.82 10.97 2.08
N ALA A 21 4.43 10.96 0.90
CA ALA A 21 5.52 11.89 0.62
C ALA A 21 5.00 13.33 0.50
N ILE A 22 3.79 13.50 0.01
CA ILE A 22 3.18 14.82 -0.07
C ILE A 22 2.98 15.37 1.36
N LYS A 23 2.27 14.60 2.21
CA LYS A 23 2.05 14.95 3.63
C LYS A 23 3.35 15.34 4.31
N SER A 24 4.37 14.55 4.07
CA SER A 24 5.58 14.71 4.79
C SER A 24 6.24 16.04 4.39
N ARG A 25 6.14 16.45 3.13
CA ARG A 25 6.61 17.78 2.78
C ARG A 25 5.71 18.87 3.33
N ALA A 26 4.39 18.68 3.26
CA ALA A 26 3.42 19.63 3.73
C ALA A 26 3.60 19.85 5.21
N ASP A 27 3.97 18.80 5.93
CA ASP A 27 4.28 18.86 7.37
C ASP A 27 5.47 19.78 7.68
N GLN A 28 6.51 19.69 6.86
CA GLN A 28 7.66 20.55 7.05
C GLN A 28 7.25 22.01 6.92
N LEU A 29 6.33 22.29 6.00
CA LEU A 29 6.01 23.66 5.64
C LEU A 29 4.85 24.23 6.45
N GLY A 30 4.21 23.38 7.25
CA GLY A 30 3.04 23.80 8.02
C GLY A 30 1.74 23.66 7.27
N ALA A 31 1.78 23.07 6.09
CA ALA A 31 0.59 22.92 5.28
C ALA A 31 -0.22 21.69 5.71
N SER A 32 -1.54 21.73 5.55
CA SER A 32 -2.35 20.55 5.80
C SER A 32 -2.62 19.89 4.45
N VAL A 33 -3.02 18.62 4.48
CA VAL A 33 -3.30 17.87 3.27
C VAL A 33 -4.62 17.19 3.49
N VAL A 34 -5.53 17.31 2.50
CA VAL A 34 -6.76 16.48 2.44
C VAL A 34 -6.61 15.58 1.21
N VAL A 35 -7.10 14.36 1.32
CA VAL A 35 -7.00 13.41 0.22
C VAL A 35 -8.38 12.94 -0.17
N SER A 36 -8.64 12.88 -1.47
CA SER A 36 -9.89 12.34 -1.96
C SER A 36 -9.48 11.31 -2.98
N MET A 37 -10.19 10.21 -3.02
CA MET A 37 -9.80 9.08 -3.83
C MET A 37 -10.71 8.97 -5.01
N VAL A 38 -10.14 8.65 -6.16
CA VAL A 38 -10.91 8.75 -7.39
C VAL A 38 -11.59 7.43 -7.69
N GLU A 39 -12.88 7.53 -7.98
CA GLU A 39 -13.79 6.41 -7.97
C GLU A 39 -13.65 5.57 -9.24
N ARG A 40 -12.63 4.72 -9.26
CA ARG A 40 -12.24 3.99 -10.47
C ARG A 40 -11.88 4.99 -11.59
N SER A 41 -12.06 4.61 -12.86
CA SER A 41 -11.40 5.33 -13.96
C SER A 41 -12.25 6.30 -14.77
N GLY A 42 -11.60 7.38 -15.21
CA GLY A 42 -12.23 8.33 -16.07
C GLY A 42 -12.14 9.77 -15.60
N VAL A 43 -12.31 10.67 -16.57
CA VAL A 43 -12.31 12.09 -16.33
C VAL A 43 -13.48 12.54 -15.42
N GLU A 44 -14.62 11.84 -15.48
CA GLU A 44 -15.77 12.18 -14.64
C GLU A 44 -15.54 11.80 -13.16
N ALA A 45 -14.90 10.67 -12.91
CA ALA A 45 -14.49 10.28 -11.55
C ALA A 45 -13.46 11.26 -11.01
N CYS A 46 -12.49 11.65 -11.82
CA CYS A 46 -11.48 12.59 -11.39
C CYS A 46 -12.03 14.00 -11.13
N LYS A 47 -13.01 14.45 -11.94
CA LYS A 47 -13.62 15.77 -11.73
C LYS A 47 -14.39 15.75 -10.41
N ALA A 48 -15.09 14.64 -10.17
CA ALA A 48 -15.83 14.36 -8.94
C ALA A 48 -14.93 14.54 -7.71
N ALA A 49 -13.71 14.02 -7.81
CA ALA A 49 -12.78 14.14 -6.72
C ALA A 49 -12.35 15.61 -6.56
N VAL A 50 -12.16 16.30 -7.67
CA VAL A 50 -11.66 17.67 -7.67
C VAL A 50 -12.70 18.59 -7.00
N HIS A 51 -13.98 18.27 -7.20
CA HIS A 51 -15.01 19.15 -6.66
C HIS A 51 -15.12 18.90 -5.18
N ASN A 52 -14.92 17.64 -4.82
CA ASN A 52 -14.99 17.24 -3.43
C ASN A 52 -13.81 17.85 -2.62
N LEU A 53 -12.63 17.91 -3.23
CA LEU A 53 -11.53 18.74 -2.67
C LEU A 53 -11.83 20.24 -2.63
N LEU A 54 -12.36 20.80 -3.73
CA LEU A 54 -12.67 22.23 -3.69
C LEU A 54 -13.82 22.49 -2.70
N ALA A 55 -14.68 21.50 -2.47
CA ALA A 55 -15.71 21.59 -1.44
C ALA A 55 -15.16 21.74 0.00
N GLN A 56 -13.86 21.52 0.20
CA GLN A 56 -13.28 21.85 1.49
C GLN A 56 -12.23 22.95 1.39
N ARG A 57 -12.26 23.64 0.26
CA ARG A 57 -11.58 24.92 0.17
C ARG A 57 -10.13 24.77 0.17
N VAL A 58 -9.62 23.74 -0.53
CA VAL A 58 -8.19 23.55 -0.61
C VAL A 58 -7.65 24.75 -1.37
N SER A 59 -6.45 25.21 -1.05
CA SER A 59 -5.87 26.28 -1.84
C SER A 59 -4.98 25.81 -3.00
N GLY A 60 -4.88 24.51 -3.17
CA GLY A 60 -4.06 23.92 -4.23
C GLY A 60 -4.48 22.50 -4.41
N LEU A 61 -4.32 22.03 -5.64
CA LEU A 61 -4.65 20.68 -5.98
C LEU A 61 -3.42 19.98 -6.55
N ILE A 62 -3.17 18.77 -6.06
CA ILE A 62 -2.23 17.84 -6.67
C ILE A 62 -3.10 16.70 -7.15
N ILE A 63 -3.03 16.44 -8.45
CA ILE A 63 -3.87 15.42 -9.07
C ILE A 63 -2.97 14.26 -9.46
N ASN A 64 -2.98 13.21 -8.63
CA ASN A 64 -2.21 11.97 -8.94
C ASN A 64 -3.15 10.90 -9.43
N TYR A 65 -3.46 10.98 -10.70
CA TYR A 65 -4.47 10.16 -11.27
C TYR A 65 -4.29 10.24 -12.77
N PRO A 66 -4.28 9.07 -13.48
CA PRO A 66 -3.89 9.06 -14.89
C PRO A 66 -4.93 9.76 -15.74
N LEU A 67 -4.49 10.79 -16.46
CA LEU A 67 -5.39 11.49 -17.37
C LEU A 67 -4.80 11.58 -18.76
N ASP A 68 -5.55 11.06 -19.74
CA ASP A 68 -5.27 11.29 -21.17
C ASP A 68 -5.31 12.80 -21.45
N ASP A 69 -4.60 13.24 -22.48
CA ASP A 69 -4.41 14.66 -22.81
C ASP A 69 -5.62 15.61 -22.67
N GLN A 70 -6.69 15.30 -23.38
CA GLN A 70 -7.90 16.10 -23.37
C GLN A 70 -8.56 16.05 -22.00
N ASP A 71 -8.47 14.87 -21.37
CA ASP A 71 -9.00 14.66 -20.03
C ASP A 71 -8.29 15.55 -19.00
N ALA A 72 -6.96 15.55 -19.03
CA ALA A 72 -6.19 16.43 -18.17
C ALA A 72 -6.62 17.89 -18.29
N ILE A 73 -6.92 18.32 -19.51
CA ILE A 73 -7.33 19.68 -19.79
C ILE A 73 -8.76 19.92 -19.30
N ALA A 74 -9.62 18.92 -19.47
CA ALA A 74 -10.95 19.04 -18.92
C ALA A 74 -10.82 19.19 -17.40
N VAL A 75 -9.94 18.40 -16.79
CA VAL A 75 -9.80 18.44 -15.32
C VAL A 75 -9.18 19.75 -14.88
N GLU A 76 -8.23 20.24 -15.64
CA GLU A 76 -7.58 21.48 -15.28
C GLU A 76 -8.55 22.67 -15.34
N ALA A 77 -9.41 22.68 -16.37
CA ALA A 77 -10.42 23.71 -16.47
C ALA A 77 -11.32 23.65 -15.24
N ALA A 78 -11.70 22.43 -14.81
CA ALA A 78 -12.61 22.30 -13.66
C ALA A 78 -11.96 22.70 -12.33
N CYS A 79 -10.62 22.78 -12.29
CA CYS A 79 -9.94 23.27 -11.09
C CYS A 79 -10.10 24.76 -10.97
N THR A 80 -10.83 25.38 -11.90
CA THR A 80 -11.18 26.81 -11.86
C THR A 80 -10.21 27.69 -11.08
N ASN A 81 -9.04 27.92 -11.66
CA ASN A 81 -8.13 28.95 -11.13
C ASN A 81 -7.29 28.61 -9.86
N VAL A 82 -7.85 27.78 -8.95
CA VAL A 82 -7.07 27.13 -7.90
C VAL A 82 -5.90 26.38 -8.51
N PRO A 83 -4.66 26.68 -8.07
CA PRO A 83 -3.45 25.95 -8.47
C PRO A 83 -3.63 24.43 -8.53
N ALA A 84 -3.27 23.84 -9.66
CA ALA A 84 -3.41 22.39 -9.86
C ALA A 84 -2.17 21.84 -10.51
N LEU A 85 -1.63 20.79 -9.92
CA LEU A 85 -0.43 20.15 -10.43
C LEU A 85 -0.76 18.70 -10.70
N PHE A 86 -0.36 18.24 -11.87
CA PHE A 86 -0.74 16.92 -12.34
C PHE A 86 0.47 15.99 -12.27
N LEU A 87 0.22 14.78 -11.78
CA LEU A 87 1.37 13.90 -11.52
C LEU A 87 1.39 12.66 -12.37
N ASP A 88 0.28 12.38 -13.02
CA ASP A 88 0.12 11.18 -13.83
C ASP A 88 -0.44 11.56 -15.21
N VAL A 89 0.42 12.24 -15.97
CA VAL A 89 0.12 12.70 -17.29
C VAL A 89 1.37 12.54 -18.17
N SER A 90 1.15 12.63 -19.47
CA SER A 90 2.26 12.76 -20.42
C SER A 90 2.84 14.15 -20.24
N ASP A 91 4.14 14.26 -20.43
CA ASP A 91 4.78 15.57 -20.44
C ASP A 91 4.40 16.49 -21.62
N GLN A 92 3.50 16.05 -22.48
CA GLN A 92 3.13 16.79 -23.69
C GLN A 92 1.90 17.65 -23.44
N THR A 93 1.17 17.31 -22.39
CA THR A 93 -0.08 17.97 -22.10
C THR A 93 0.22 19.36 -21.57
N PRO A 94 -0.39 20.40 -22.15
CA PRO A 94 -0.11 21.79 -21.74
C PRO A 94 -0.81 22.15 -20.41
N ILE A 95 -0.26 21.61 -19.33
CA ILE A 95 -0.76 21.86 -17.98
C ILE A 95 0.48 21.85 -17.12
N ASN A 96 0.35 22.30 -15.88
CA ASN A 96 1.40 22.18 -14.88
C ASN A 96 1.48 20.75 -14.37
N SER A 97 2.67 20.18 -14.45
CA SER A 97 2.84 18.75 -14.23
C SER A 97 4.24 18.45 -13.79
N ILE A 98 4.33 17.43 -12.95
CA ILE A 98 5.63 16.91 -12.58
C ILE A 98 5.54 15.44 -12.80
N ILE A 99 6.36 14.96 -13.73
CA ILE A 99 6.30 13.55 -14.03
C ILE A 99 7.69 12.95 -13.99
N PHE A 100 7.74 11.65 -13.76
CA PHE A 100 9.01 10.95 -13.92
C PHE A 100 9.30 10.67 -15.38
N SER A 101 10.59 10.68 -15.66
CA SER A 101 11.08 10.41 -16.98
C SER A 101 10.79 8.98 -17.38
N HIS A 102 9.84 8.78 -18.30
CA HIS A 102 9.51 7.47 -18.81
C HIS A 102 10.54 7.03 -19.83
N GLU A 103 11.15 8.02 -20.51
CA GLU A 103 12.20 7.78 -21.48
C GLU A 103 13.31 7.11 -20.76
N ASP A 104 13.74 7.72 -19.66
CA ASP A 104 14.82 7.14 -18.89
C ASP A 104 14.47 5.81 -18.26
N GLY A 105 13.28 5.76 -17.66
CA GLY A 105 12.85 4.55 -16.95
C GLY A 105 12.94 3.38 -17.88
N THR A 106 12.40 3.56 -19.07
CA THR A 106 12.23 2.48 -19.99
C THR A 106 13.53 2.13 -20.65
N ARG A 107 14.34 3.14 -20.95
CA ARG A 107 15.69 2.97 -21.51
C ARG A 107 16.50 2.13 -20.57
N LEU A 108 16.47 2.48 -19.28
CA LEU A 108 17.28 1.81 -18.30
C LEU A 108 16.94 0.35 -18.22
N GLY A 109 15.64 0.05 -18.16
CA GLY A 109 15.23 -1.35 -18.04
C GLY A 109 15.61 -2.13 -19.28
N VAL A 110 15.30 -1.57 -20.42
CA VAL A 110 15.70 -2.18 -21.69
C VAL A 110 17.22 -2.33 -21.80
N GLU A 111 17.96 -1.25 -21.62
CA GLU A 111 19.40 -1.36 -21.80
C GLU A 111 20.05 -2.32 -20.82
N HIS A 112 19.47 -2.43 -19.62
CA HIS A 112 20.01 -3.33 -18.61
C HIS A 112 19.85 -4.75 -19.09
N LEU A 113 18.65 -5.10 -19.58
CA LEU A 113 18.43 -6.47 -20.05
C LEU A 113 19.26 -6.77 -21.30
N VAL A 114 19.30 -5.80 -22.21
CA VAL A 114 20.18 -5.95 -23.37
C VAL A 114 21.64 -6.20 -22.92
N ALA A 115 22.17 -5.41 -21.98
CA ALA A 115 23.57 -5.59 -21.53
C ALA A 115 23.82 -6.95 -20.90
N LEU A 116 22.78 -7.48 -20.26
CA LEU A 116 22.85 -8.76 -19.61
C LEU A 116 22.74 -9.88 -20.65
N GLY A 117 22.35 -9.53 -21.87
CA GLY A 117 22.41 -10.43 -23.01
C GLY A 117 21.08 -11.07 -23.36
N HIS A 118 20.00 -10.56 -22.80
CA HIS A 118 18.67 -11.08 -23.09
C HIS A 118 18.27 -10.64 -24.46
N GLN A 119 17.58 -11.55 -25.15
CA GLN A 119 17.03 -11.33 -26.46
C GLN A 119 15.56 -11.74 -26.48
N GLN A 120 15.14 -12.63 -25.57
CA GLN A 120 13.72 -13.04 -25.47
C GLN A 120 13.08 -12.30 -24.29
N ILE A 121 12.47 -11.15 -24.56
CA ILE A 121 12.01 -10.25 -23.48
C ILE A 121 10.50 -10.14 -23.61
N ALA A 122 9.76 -10.21 -22.49
CA ALA A 122 8.33 -10.02 -22.54
C ALA A 122 8.02 -8.70 -21.82
N LEU A 123 6.90 -8.07 -22.17
CA LEU A 123 6.49 -6.76 -21.59
C LEU A 123 5.20 -6.98 -20.85
N LEU A 124 5.15 -6.58 -19.58
CA LEU A 124 3.92 -6.62 -18.86
C LEU A 124 3.60 -5.18 -18.52
N ALA A 125 2.75 -4.61 -19.35
CA ALA A 125 2.27 -3.24 -19.19
C ALA A 125 1.22 -3.06 -18.11
N GLY A 126 1.08 -1.83 -17.66
CA GLY A 126 -0.04 -1.47 -16.81
C GLY A 126 -1.29 -1.38 -17.69
N PRO A 127 -2.45 -1.06 -17.08
CA PRO A 127 -3.65 -0.97 -17.91
C PRO A 127 -3.47 0.18 -18.88
N LEU A 128 -3.78 -0.06 -20.15
CA LEU A 128 -3.47 0.95 -21.19
C LEU A 128 -4.41 2.15 -21.16
N SER A 129 -5.47 2.07 -20.34
CA SER A 129 -6.29 3.24 -20.00
C SER A 129 -5.44 4.26 -19.27
N SER A 130 -4.34 3.83 -18.65
CA SER A 130 -3.51 4.82 -17.97
C SER A 130 -2.48 5.46 -18.90
N VAL A 131 -2.43 6.78 -18.94
CA VAL A 131 -1.44 7.45 -19.78
C VAL A 131 -0.02 7.03 -19.44
N SER A 132 0.26 6.79 -18.16
CA SER A 132 1.61 6.44 -17.72
C SER A 132 1.97 5.01 -18.13
N ALA A 133 0.99 4.09 -18.09
CA ALA A 133 1.17 2.73 -18.58
C ALA A 133 1.57 2.79 -20.04
N ARG A 134 0.85 3.61 -20.82
CA ARG A 134 1.11 3.76 -22.24
C ARG A 134 2.45 4.37 -22.50
N LEU A 135 2.84 5.36 -21.70
CA LEU A 135 4.17 5.96 -21.89
C LEU A 135 5.30 4.96 -21.67
N ARG A 136 5.09 4.00 -20.78
CA ARG A 136 6.18 3.10 -20.38
C ARG A 136 6.26 2.02 -21.43
N LEU A 137 5.10 1.48 -21.82
CA LEU A 137 4.98 0.59 -23.00
C LEU A 137 5.64 1.19 -24.25
N ALA A 138 5.31 2.44 -24.53
CA ALA A 138 5.85 3.12 -25.70
C ALA A 138 7.35 3.21 -25.59
N GLY A 139 7.84 3.49 -24.40
CA GLY A 139 9.25 3.62 -24.16
C GLY A 139 9.98 2.29 -24.30
N TRP A 140 9.39 1.20 -23.80
CA TRP A 140 10.01 -0.07 -23.99
C TRP A 140 10.09 -0.39 -25.45
N HIS A 141 9.02 -0.15 -26.20
CA HIS A 141 9.02 -0.36 -27.64
C HIS A 141 10.13 0.48 -28.26
N LYS A 142 10.19 1.75 -27.93
CA LYS A 142 11.21 2.59 -28.51
C LYS A 142 12.59 1.96 -28.34
N TYR A 143 12.96 1.60 -27.10
CA TYR A 143 14.34 1.20 -26.83
C TYR A 143 14.68 -0.18 -27.28
N LEU A 144 13.71 -1.08 -27.25
CA LEU A 144 13.85 -2.42 -27.79
C LEU A 144 14.03 -2.38 -29.33
N THR A 145 13.22 -1.55 -30.00
CA THR A 145 13.32 -1.35 -31.44
C THR A 145 14.71 -0.77 -31.80
N ARG A 146 15.15 0.25 -31.07
CA ARG A 146 16.51 0.78 -31.20
C ARG A 146 17.54 -0.33 -31.10
N ASN A 147 17.20 -1.35 -30.30
CA ASN A 147 18.17 -2.38 -30.04
C ASN A 147 18.00 -3.53 -30.98
N GLN A 148 17.06 -3.32 -31.90
CA GLN A 148 16.70 -4.28 -32.92
C GLN A 148 16.13 -5.55 -32.33
N ILE A 149 15.28 -5.37 -31.30
CA ILE A 149 14.71 -6.48 -30.54
C ILE A 149 13.22 -6.30 -30.55
N GLN A 150 12.50 -7.39 -30.76
CA GLN A 150 11.07 -7.36 -30.60
C GLN A 150 10.66 -8.20 -29.38
N PRO A 151 9.70 -7.70 -28.59
CA PRO A 151 9.28 -8.55 -27.45
C PRO A 151 8.72 -9.84 -27.95
N ILE A 152 8.82 -10.93 -27.19
CA ILE A 152 8.14 -12.17 -27.62
C ILE A 152 6.73 -12.28 -27.09
N ALA A 153 6.36 -11.39 -26.18
CA ALA A 153 4.98 -11.33 -25.70
C ALA A 153 4.82 -9.97 -25.05
N GLU A 154 3.63 -9.41 -25.15
CA GLU A 154 3.30 -8.22 -24.39
C GLU A 154 1.87 -8.26 -23.92
N ARG A 155 1.74 -8.11 -22.62
CA ARG A 155 0.50 -8.30 -21.95
C ARG A 155 0.16 -7.06 -21.18
N GLU A 156 -1.01 -7.06 -20.57
CA GLU A 156 -1.50 -5.89 -19.90
C GLU A 156 -2.12 -6.31 -18.56
N GLY A 157 -1.66 -5.72 -17.48
CA GLY A 157 -2.27 -6.02 -16.19
C GLY A 157 -3.11 -4.83 -15.74
N ASP A 158 -3.30 -4.69 -14.44
CA ASP A 158 -4.12 -3.65 -13.87
C ASP A 158 -3.38 -3.11 -12.65
N TRP A 159 -2.05 -3.32 -12.64
CA TRP A 159 -1.16 -2.74 -11.61
C TRP A 159 -1.13 -3.60 -10.31
N SER A 160 -2.04 -4.57 -10.15
CA SER A 160 -2.15 -5.34 -8.93
C SER A 160 -1.28 -6.60 -9.06
N ALA A 161 -0.86 -7.16 -7.93
CA ALA A 161 0.00 -8.33 -7.98
C ALA A 161 -0.71 -9.47 -8.68
N MET A 162 -1.99 -9.70 -8.34
CA MET A 162 -2.73 -10.78 -8.99
C MET A 162 -2.77 -10.67 -10.52
N SER A 163 -2.91 -9.46 -11.05
CA SER A 163 -2.87 -9.28 -12.51
C SER A 163 -1.51 -9.72 -13.06
N GLY A 164 -0.44 -9.38 -12.37
CA GLY A 164 0.87 -9.91 -12.74
C GLY A 164 0.98 -11.43 -12.72
N PHE A 165 0.36 -12.08 -11.73
CA PHE A 165 0.30 -13.52 -11.67
C PHE A 165 -0.48 -14.06 -12.87
N GLN A 166 -1.67 -13.52 -13.09
CA GLN A 166 -2.52 -14.10 -14.12
C GLN A 166 -1.90 -13.93 -15.51
N GLN A 167 -1.43 -12.73 -15.80
CA GLN A 167 -0.86 -12.46 -17.13
C GLN A 167 0.38 -13.33 -17.39
N THR A 168 1.25 -13.47 -16.39
CA THR A 168 2.48 -14.21 -16.55
C THR A 168 2.14 -15.67 -16.68
N MET A 169 1.20 -16.17 -15.86
CA MET A 169 0.70 -17.53 -16.02
C MET A 169 0.10 -17.80 -17.40
N GLN A 170 -0.73 -16.88 -17.89
CA GLN A 170 -1.30 -17.12 -19.19
C GLN A 170 -0.26 -17.03 -20.30
N MET A 171 0.72 -16.14 -20.18
CA MET A 171 1.84 -16.10 -21.14
C MET A 171 2.61 -17.44 -21.14
N LEU A 172 2.91 -17.95 -19.95
CA LEU A 172 3.62 -19.19 -19.81
C LEU A 172 2.81 -20.35 -20.31
N ASN A 173 1.49 -20.34 -20.07
CA ASN A 173 0.66 -21.48 -20.50
C ASN A 173 0.48 -21.47 -22.02
N GLU A 174 0.81 -20.34 -22.67
CA GLU A 174 0.85 -20.24 -24.13
C GLU A 174 2.15 -20.81 -24.71
N GLY A 175 3.10 -21.16 -23.84
CA GLY A 175 4.40 -21.72 -24.23
C GLY A 175 5.48 -20.67 -24.46
N ILE A 176 5.18 -19.44 -24.06
CA ILE A 176 6.06 -18.31 -24.21
C ILE A 176 6.84 -18.03 -22.93
N VAL A 177 8.12 -18.37 -22.96
CA VAL A 177 9.01 -18.26 -21.82
C VAL A 177 10.15 -17.29 -22.16
N PRO A 178 9.98 -15.98 -21.85
CA PRO A 178 11.09 -15.06 -22.05
C PRO A 178 12.16 -15.39 -21.06
N THR A 179 13.39 -14.91 -21.30
CA THR A 179 14.42 -15.02 -20.34
C THR A 179 14.34 -13.78 -19.43
N ALA A 180 13.51 -12.79 -19.76
CA ALA A 180 13.37 -11.63 -18.89
C ALA A 180 12.07 -10.92 -19.20
N MET A 181 11.54 -10.24 -18.18
CA MET A 181 10.29 -9.50 -18.29
C MET A 181 10.57 -8.11 -17.87
N LEU A 182 10.01 -7.14 -18.60
CA LEU A 182 9.99 -5.74 -18.16
C LEU A 182 8.58 -5.57 -17.68
N VAL A 183 8.40 -5.23 -16.40
CA VAL A 183 7.07 -5.09 -15.82
C VAL A 183 6.85 -3.65 -15.43
N ALA A 184 5.61 -3.16 -15.60
CA ALA A 184 5.32 -1.73 -15.49
C ALA A 184 5.15 -1.23 -14.07
N ASN A 185 4.91 -2.15 -13.11
CA ASN A 185 5.12 -1.83 -11.70
C ASN A 185 5.69 -2.96 -10.83
N ASP A 186 6.08 -2.62 -9.59
CA ASP A 186 6.63 -3.64 -8.69
C ASP A 186 5.50 -4.58 -8.24
N GLN A 187 4.28 -4.08 -8.02
CA GLN A 187 3.20 -5.03 -7.57
C GLN A 187 2.91 -6.15 -8.56
N MET A 188 2.83 -5.79 -9.85
CA MET A 188 2.67 -6.77 -10.92
C MET A 188 3.90 -7.69 -11.01
N ALA A 189 5.09 -7.14 -10.79
CA ALA A 189 6.31 -7.94 -10.82
C ALA A 189 6.27 -8.98 -9.74
N LEU A 190 5.77 -8.62 -8.56
CA LEU A 190 5.55 -9.60 -7.49
C LEU A 190 4.71 -10.74 -8.02
N GLY A 191 3.59 -10.41 -8.62
CA GLY A 191 2.73 -11.47 -9.19
C GLY A 191 3.44 -12.33 -10.25
N ALA A 192 4.26 -11.69 -11.10
CA ALA A 192 4.92 -12.38 -12.16
C ALA A 192 5.94 -13.29 -11.56
N MET A 193 6.69 -12.78 -10.58
CA MET A 193 7.67 -13.59 -9.86
C MET A 193 7.00 -14.85 -9.24
N ARG A 194 5.81 -14.69 -8.70
CA ARG A 194 5.09 -15.91 -8.25
C ARG A 194 4.71 -16.88 -9.39
N ALA A 195 4.26 -16.33 -10.54
CA ALA A 195 3.96 -17.19 -11.69
C ALA A 195 5.22 -17.97 -12.11
N ILE A 196 6.35 -17.27 -12.21
CA ILE A 196 7.62 -17.85 -12.61
C ILE A 196 8.03 -18.95 -11.67
N THR A 197 8.11 -18.61 -10.40
CA THR A 197 8.43 -19.57 -9.37
C THR A 197 7.50 -20.75 -9.33
N GLU A 198 6.19 -20.55 -9.52
CA GLU A 198 5.30 -21.68 -9.39
C GLU A 198 5.28 -22.53 -10.66
N SER A 199 5.94 -22.03 -11.70
CA SER A 199 6.03 -22.73 -12.98
C SER A 199 7.27 -23.62 -13.02
N GLY A 200 7.99 -23.60 -11.89
CA GLY A 200 9.19 -24.39 -11.65
C GLY A 200 10.43 -23.69 -12.16
N LEU A 201 10.36 -22.36 -12.28
CA LEU A 201 11.49 -21.61 -12.82
C LEU A 201 12.07 -20.64 -11.82
N ARG A 202 13.33 -20.31 -12.01
CA ARG A 202 14.00 -19.40 -11.09
C ARG A 202 13.92 -17.97 -11.58
N VAL A 203 13.41 -17.08 -10.72
CA VAL A 203 13.45 -15.68 -11.02
C VAL A 203 14.92 -15.27 -11.07
N GLY A 204 15.33 -14.67 -12.19
CA GLY A 204 16.73 -14.29 -12.35
C GLY A 204 17.30 -15.28 -13.35
N ALA A 205 17.68 -16.45 -12.88
CA ALA A 205 18.40 -17.38 -13.72
C ALA A 205 17.57 -17.82 -14.94
N ASP A 206 16.37 -18.33 -14.73
CA ASP A 206 15.44 -18.66 -15.81
C ASP A 206 14.69 -17.46 -16.42
N ILE A 207 13.99 -16.66 -15.62
CA ILE A 207 13.27 -15.45 -16.12
C ILE A 207 13.59 -14.32 -15.20
N SER A 208 14.43 -13.39 -15.67
CA SER A 208 14.73 -12.18 -14.95
C SER A 208 13.49 -11.28 -15.00
N VAL A 209 13.42 -10.35 -14.06
CA VAL A 209 12.27 -9.49 -13.94
C VAL A 209 12.80 -8.13 -13.58
N VAL A 210 12.26 -7.11 -14.26
CA VAL A 210 12.57 -5.72 -13.93
C VAL A 210 11.24 -5.07 -13.63
N GLY A 211 11.13 -4.44 -12.45
CA GLY A 211 9.87 -3.88 -12.02
C GLY A 211 9.87 -2.40 -12.33
N TYR A 212 9.01 -1.66 -11.64
CA TYR A 212 8.93 -0.26 -11.91
C TYR A 212 8.32 0.40 -10.70
N ASP A 213 9.04 1.37 -10.13
CA ASP A 213 8.64 2.18 -8.95
C ASP A 213 9.65 2.15 -7.82
N ASP A 214 10.24 0.98 -7.57
CA ASP A 214 10.84 0.72 -6.26
C ASP A 214 9.88 1.06 -5.11
N THR A 215 8.68 0.48 -5.12
CA THR A 215 7.81 0.62 -3.98
C THR A 215 8.40 -0.13 -2.80
N GLU A 216 7.97 0.26 -1.62
CA GLU A 216 8.72 -0.07 -0.38
C GLU A 216 9.06 -1.56 -0.17
N ASP A 217 8.11 -2.45 -0.44
CA ASP A 217 8.28 -3.87 -0.22
C ASP A 217 9.32 -4.50 -1.14
N SER A 218 9.70 -3.78 -2.20
CA SER A 218 10.43 -4.42 -3.28
C SER A 218 11.75 -5.01 -2.91
N SER A 219 12.44 -4.36 -1.96
CA SER A 219 13.77 -4.83 -1.50
C SER A 219 13.66 -6.17 -0.74
N CYS A 220 12.44 -6.62 -0.49
CA CYS A 220 12.21 -7.80 0.30
C CYS A 220 11.33 -8.74 -0.42
N TYR A 221 11.15 -8.54 -1.73
CA TYR A 221 10.49 -9.61 -2.46
C TYR A 221 11.51 -10.74 -2.52
N ILE A 222 11.08 -11.90 -2.99
CA ILE A 222 11.94 -13.09 -3.04
C ILE A 222 12.14 -13.60 -4.46
N PRO A 223 13.30 -13.29 -5.09
CA PRO A 223 14.41 -12.49 -4.57
C PRO A 223 14.17 -10.97 -4.67
N PRO A 224 14.96 -10.17 -3.96
CA PRO A 224 14.73 -8.72 -4.04
C PRO A 224 14.67 -8.25 -5.51
N LEU A 225 13.78 -7.29 -5.79
CA LEU A 225 13.39 -6.99 -7.14
C LEU A 225 14.28 -5.88 -7.76
N THR A 226 14.92 -6.22 -8.87
CA THR A 226 15.61 -5.22 -9.69
C THR A 226 14.53 -4.36 -10.28
N THR A 227 14.71 -3.04 -10.23
CA THR A 227 13.59 -2.15 -10.58
C THR A 227 14.00 -0.74 -10.95
N ILE A 228 13.04 0.00 -11.52
CA ILE A 228 13.22 1.41 -11.84
C ILE A 228 12.70 2.20 -10.67
N LYS A 229 13.62 2.75 -9.89
CA LYS A 229 13.22 3.56 -8.79
C LYS A 229 12.67 4.91 -9.26
N GLN A 230 11.51 5.24 -8.76
CA GLN A 230 10.94 6.56 -8.94
C GLN A 230 10.85 7.06 -7.53
N ASP A 231 11.59 8.12 -7.25
CA ASP A 231 11.64 8.69 -5.90
C ASP A 231 10.35 9.48 -5.57
N PHE A 232 9.41 8.80 -4.90
CA PHE A 232 8.14 9.43 -4.50
C PHE A 232 8.33 10.49 -3.41
N ARG A 233 9.33 10.29 -2.57
CA ARG A 233 9.78 11.35 -1.64
C ARG A 233 10.08 12.62 -2.43
N LEU A 234 10.93 12.50 -3.46
CA LEU A 234 11.23 13.66 -4.34
C LEU A 234 9.96 14.22 -4.99
N LEU A 235 9.11 13.32 -5.49
CA LEU A 235 7.86 13.73 -6.10
C LEU A 235 7.00 14.55 -5.14
N GLY A 236 6.89 14.06 -3.90
CA GLY A 236 6.14 14.74 -2.86
C GLY A 236 6.69 16.12 -2.51
N GLN A 237 7.98 16.17 -2.21
CA GLN A 237 8.64 17.44 -1.90
C GLN A 237 8.45 18.40 -3.05
N THR A 238 8.79 17.92 -4.24
CA THR A 238 8.80 18.74 -5.43
C THR A 238 7.43 19.33 -5.80
N SER A 239 6.39 18.51 -5.68
CA SER A 239 5.09 18.92 -6.07
C SER A 239 4.50 19.89 -5.05
N VAL A 240 4.76 19.64 -3.77
CA VAL A 240 4.27 20.51 -2.72
C VAL A 240 4.95 21.87 -2.86
N ASP A 241 6.28 21.87 -2.93
CA ASP A 241 6.97 23.14 -3.19
C ASP A 241 6.41 23.85 -4.42
N ARG A 242 6.24 23.13 -5.53
CA ARG A 242 5.74 23.75 -6.75
C ARG A 242 4.30 24.26 -6.61
N LEU A 243 3.45 23.48 -5.95
CA LEU A 243 2.09 23.90 -5.72
C LEU A 243 2.06 25.26 -5.01
N LEU A 244 2.89 25.38 -3.99
CA LEU A 244 2.98 26.57 -3.16
C LEU A 244 3.60 27.77 -3.92
N GLN A 245 4.57 27.49 -4.78
CA GLN A 245 5.04 28.47 -5.76
C GLN A 245 3.92 28.94 -6.67
N LEU A 246 3.03 28.03 -7.06
CA LEU A 246 1.89 28.37 -7.92
C LEU A 246 0.88 29.28 -7.22
N SER A 247 0.53 28.97 -5.96
CA SER A 247 -0.48 29.75 -5.22
C SER A 247 0.05 31.10 -4.78
N GLN A 248 1.34 31.30 -4.96
CA GLN A 248 2.04 32.58 -4.77
C GLN A 248 2.47 33.12 -6.14
N GLY A 249 1.84 32.61 -7.19
CA GLY A 249 1.92 33.19 -8.56
C GLY A 249 3.24 33.35 -9.30
N GLN A 250 4.36 33.09 -8.63
CA GLN A 250 5.67 33.14 -9.31
C GLN A 250 6.30 31.77 -9.52
N ALA A 251 5.56 30.86 -10.16
CA ALA A 251 6.05 29.51 -10.42
C ALA A 251 6.29 29.22 -11.88
N VAL A 252 7.17 28.25 -12.13
CA VAL A 252 7.28 27.55 -13.41
C VAL A 252 5.90 26.99 -13.80
N LYS A 253 5.51 27.12 -15.07
CA LYS A 253 4.17 26.67 -15.41
C LYS A 253 3.96 25.74 -16.58
N GLY A 254 4.83 24.78 -16.77
CA GLY A 254 4.44 23.62 -17.59
C GLY A 254 4.83 22.29 -16.94
N ASN A 255 5.42 21.43 -17.74
CA ASN A 255 5.91 20.17 -17.25
C ASN A 255 7.30 20.31 -16.70
N GLN A 256 7.54 19.60 -15.61
CA GLN A 256 8.89 19.20 -15.17
C GLN A 256 9.02 17.68 -15.12
N LEU A 257 10.20 17.18 -15.47
CA LEU A 257 10.47 15.76 -15.44
C LEU A 257 11.41 15.50 -14.31
N LEU A 258 11.11 14.49 -13.52
CA LEU A 258 12.07 14.02 -12.53
C LEU A 258 12.85 12.84 -13.07
N PRO A 259 14.11 12.71 -12.65
CA PRO A 259 14.90 11.56 -13.07
C PRO A 259 14.43 10.30 -12.35
N VAL A 260 14.89 9.16 -12.83
CA VAL A 260 14.64 7.89 -12.19
C VAL A 260 15.96 7.15 -12.27
N SER A 261 16.04 5.99 -11.65
CA SER A 261 17.29 5.25 -11.65
C SER A 261 16.97 3.80 -11.64
N LEU A 262 17.98 2.99 -11.95
CA LEU A 262 17.87 1.54 -11.95
C LEU A 262 18.45 1.01 -10.66
N VAL A 263 17.64 0.28 -9.90
CA VAL A 263 18.12 -0.33 -8.67
C VAL A 263 18.40 -1.79 -9.02
N LYS A 264 19.66 -2.19 -9.06
CA LYS A 264 19.97 -3.59 -9.40
C LYS A 264 19.83 -4.43 -8.16
N ARG A 265 18.97 -5.45 -8.22
CA ARG A 265 18.85 -6.35 -7.09
C ARG A 265 19.15 -7.77 -7.51
N LYS A 266 18.24 -8.70 -7.23
CA LYS A 266 18.53 -10.09 -7.42
C LYS A 266 17.69 -10.79 -8.48
N THR A 267 16.69 -10.12 -9.03
CA THR A 267 15.85 -10.74 -10.05
C THR A 267 16.39 -10.63 -11.47
N THR A 268 17.46 -9.87 -11.69
CA THR A 268 18.17 -9.88 -12.98
C THR A 268 19.54 -10.60 -12.86
N LEU A 269 20.06 -10.97 -14.03
CA LEU A 269 21.01 -12.10 -14.27
C LEU A 269 20.81 -12.52 -15.75
N LEU B 1 -23.15 11.68 4.89
CA LEU B 1 -22.88 12.73 3.87
C LEU B 1 -21.35 12.92 3.62
N LEU B 2 -20.64 13.58 4.52
CA LEU B 2 -19.22 13.76 4.28
C LEU B 2 -18.41 13.05 5.35
N ILE B 3 -17.73 11.97 4.98
CA ILE B 3 -17.01 11.13 5.94
C ILE B 3 -15.55 11.58 6.01
N GLY B 4 -15.12 12.01 7.19
CA GLY B 4 -13.72 12.37 7.42
C GLY B 4 -13.00 11.15 8.01
N VAL B 5 -11.90 10.73 7.39
CA VAL B 5 -11.13 9.60 7.91
C VAL B 5 -9.79 10.11 8.34
N ALA B 6 -9.41 9.82 9.59
CA ALA B 6 -8.10 10.12 10.09
C ALA B 6 -7.38 8.78 10.10
N THR B 7 -6.23 8.72 9.43
CA THR B 7 -5.59 7.40 9.23
C THR B 7 -4.12 7.47 9.52
N SER B 8 -3.62 6.43 10.19
CA SER B 8 -2.19 6.17 10.19
C SER B 8 -1.62 6.06 8.76
N SER B 9 -0.31 5.98 8.67
CA SER B 9 0.36 6.06 7.39
C SER B 9 -0.25 5.14 6.39
N LEU B 10 -0.60 5.76 5.27
CA LEU B 10 -1.14 5.04 4.13
C LEU B 10 -0.06 4.23 3.41
N ALA B 11 1.21 4.48 3.73
CA ALA B 11 2.30 3.68 3.18
C ALA B 11 2.28 2.21 3.64
N LEU B 12 1.45 1.91 4.63
CA LEU B 12 1.26 0.55 5.07
C LEU B 12 0.00 0.11 4.42
N HIS B 13 0.01 -1.14 3.97
CA HIS B 13 -0.99 -1.65 3.09
C HIS B 13 -2.35 -1.76 3.72
N ALA B 14 -2.43 -2.10 5.01
CA ALA B 14 -3.73 -2.31 5.61
C ALA B 14 -4.52 -0.99 5.73
N PRO B 15 -3.93 0.11 6.24
CA PRO B 15 -4.73 1.38 6.29
C PRO B 15 -5.22 1.86 4.91
N SER B 16 -4.43 1.59 3.87
CA SER B 16 -4.82 1.90 2.48
C SER B 16 -6.02 1.08 2.06
N GLN B 17 -5.97 -0.22 2.29
CA GLN B 17 -7.10 -1.05 1.97
C GLN B 17 -8.31 -0.64 2.77
N ILE B 18 -8.12 -0.22 4.02
CA ILE B 18 -9.26 0.17 4.85
C ILE B 18 -9.88 1.48 4.31
N VAL B 19 -9.03 2.42 3.96
CA VAL B 19 -9.46 3.64 3.32
C VAL B 19 -10.18 3.36 1.99
N ALA B 20 -9.63 2.46 1.16
CA ALA B 20 -10.34 2.08 -0.05
C ALA B 20 -11.67 1.40 0.25
N ALA B 21 -11.73 0.61 1.32
CA ALA B 21 -12.99 -0.08 1.63
C ALA B 21 -14.05 0.89 2.19
N ILE B 22 -13.57 1.92 2.86
CA ILE B 22 -14.46 2.98 3.35
C ILE B 22 -15.07 3.71 2.14
N LYS B 23 -14.22 4.25 1.25
CA LYS B 23 -14.70 4.89 0.04
C LYS B 23 -15.66 4.01 -0.73
N SER B 24 -15.34 2.74 -0.85
CA SER B 24 -16.18 1.83 -1.57
C SER B 24 -17.61 1.86 -1.08
N ARG B 25 -17.79 1.77 0.23
CA ARG B 25 -19.13 1.68 0.76
C ARG B 25 -19.83 3.05 0.71
N ALA B 26 -19.05 4.12 0.77
CA ALA B 26 -19.58 5.46 0.83
C ALA B 26 -20.04 5.84 -0.55
N ASP B 27 -19.35 5.28 -1.55
CA ASP B 27 -19.70 5.46 -2.94
C ASP B 27 -21.02 4.75 -3.19
N GLN B 28 -21.23 3.59 -2.59
CA GLN B 28 -22.52 2.92 -2.73
C GLN B 28 -23.68 3.74 -2.18
N LEU B 29 -23.40 4.57 -1.18
CA LEU B 29 -24.43 5.30 -0.44
C LEU B 29 -24.55 6.76 -0.85
N GLY B 30 -23.69 7.23 -1.74
CA GLY B 30 -23.69 8.63 -2.11
C GLY B 30 -22.80 9.54 -1.29
N ALA B 31 -22.14 8.99 -0.26
CA ALA B 31 -21.38 9.83 0.67
C ALA B 31 -20.05 10.22 0.05
N SER B 32 -19.52 11.35 0.47
CA SER B 32 -18.16 11.72 0.10
C SER B 32 -17.21 11.31 1.23
N VAL B 33 -15.94 11.15 0.90
CA VAL B 33 -14.93 10.82 1.89
C VAL B 33 -13.74 11.75 1.67
N VAL B 34 -13.27 12.39 2.75
CA VAL B 34 -11.96 13.07 2.75
C VAL B 34 -11.03 12.38 3.77
N VAL B 35 -9.73 12.45 3.54
CA VAL B 35 -8.81 11.67 4.35
C VAL B 35 -7.71 12.59 4.81
N SER B 36 -7.46 12.56 6.11
CA SER B 36 -6.35 13.29 6.70
C SER B 36 -5.40 12.22 7.21
N MET B 37 -4.12 12.36 6.93
CA MET B 37 -3.14 11.34 7.33
C MET B 37 -2.40 11.77 8.58
N VAL B 38 -2.24 10.85 9.52
CA VAL B 38 -1.79 11.25 10.84
C VAL B 38 -0.32 11.13 10.99
N GLU B 39 0.21 12.25 11.52
CA GLU B 39 1.48 12.84 11.10
C GLU B 39 2.68 11.96 11.36
N ARG B 40 2.95 11.73 12.62
CA ARG B 40 3.83 10.67 13.04
C ARG B 40 2.99 9.90 14.01
N SER B 41 3.39 9.96 15.28
CA SER B 41 2.84 9.09 16.26
C SER B 41 2.37 9.83 17.53
N GLY B 42 1.17 9.49 17.98
CA GLY B 42 0.66 9.94 19.22
C GLY B 42 -0.62 10.71 19.10
N VAL B 43 -1.29 10.79 20.24
CA VAL B 43 -2.59 11.39 20.39
C VAL B 43 -2.64 12.86 19.97
N GLU B 44 -1.56 13.62 20.17
CA GLU B 44 -1.56 15.05 19.76
C GLU B 44 -1.62 15.18 18.23
N ALA B 45 -0.84 14.34 17.53
CA ALA B 45 -0.91 14.24 16.07
C ALA B 45 -2.32 13.85 15.62
N CYS B 46 -2.90 12.83 16.26
CA CYS B 46 -4.21 12.37 15.86
C CYS B 46 -5.30 13.42 16.12
N LYS B 47 -5.17 14.14 17.24
CA LYS B 47 -6.10 15.23 17.59
C LYS B 47 -6.08 16.37 16.58
N ALA B 48 -4.88 16.72 16.10
CA ALA B 48 -4.75 17.69 15.02
C ALA B 48 -5.55 17.25 13.80
N ALA B 49 -5.30 16.02 13.35
CA ALA B 49 -6.04 15.48 12.22
C ALA B 49 -7.53 15.58 12.42
N VAL B 50 -8.02 15.22 13.62
CA VAL B 50 -9.44 15.29 13.89
C VAL B 50 -9.94 16.74 13.79
N HIS B 51 -9.09 17.68 14.17
CA HIS B 51 -9.44 19.09 14.06
C HIS B 51 -9.34 19.63 12.64
N ASN B 52 -8.39 19.10 11.85
CA ASN B 52 -8.35 19.32 10.40
C ASN B 52 -9.71 18.83 9.86
N LEU B 53 -10.10 17.61 10.20
CA LEU B 53 -11.35 17.08 9.63
C LEU B 53 -12.59 17.85 10.07
N LEU B 54 -12.60 18.29 11.32
CA LEU B 54 -13.75 19.01 11.85
C LEU B 54 -13.90 20.35 11.16
N ALA B 55 -12.77 20.95 10.82
CA ALA B 55 -12.72 22.22 10.17
C ALA B 55 -13.20 22.09 8.70
N GLN B 56 -13.15 20.88 8.12
CA GLN B 56 -13.76 20.62 6.83
C GLN B 56 -15.25 20.35 7.07
N ARG B 57 -15.69 20.48 8.32
CA ARG B 57 -17.07 20.17 8.70
C ARG B 57 -17.56 18.83 8.16
N VAL B 58 -16.78 17.77 8.39
CA VAL B 58 -17.23 16.43 8.04
C VAL B 58 -18.41 16.09 8.93
N SER B 59 -19.31 15.24 8.46
CA SER B 59 -20.42 14.85 9.32
C SER B 59 -20.18 13.61 10.12
N GLY B 60 -18.99 13.05 9.97
CA GLY B 60 -18.76 11.78 10.65
C GLY B 60 -17.30 11.46 10.58
N LEU B 61 -16.76 10.88 11.66
CA LEU B 61 -15.35 10.61 11.75
C LEU B 61 -15.09 9.12 11.91
N ILE B 62 -14.17 8.63 11.09
CA ILE B 62 -13.62 7.30 11.27
C ILE B 62 -12.14 7.52 11.57
N ILE B 63 -11.73 7.12 12.76
CA ILE B 63 -10.37 7.31 13.24
C ILE B 63 -9.67 5.93 13.12
N ASN B 64 -8.92 5.74 12.03
CA ASN B 64 -8.07 4.52 11.93
C ASN B 64 -6.63 4.82 12.30
N TYR B 65 -6.40 4.87 13.61
CA TYR B 65 -5.13 5.29 14.13
C TYR B 65 -4.97 4.75 15.54
N PRO B 66 -3.83 4.05 15.81
CA PRO B 66 -3.69 3.28 17.04
C PRO B 66 -3.71 4.16 18.27
N LEU B 67 -4.64 3.90 19.17
CA LEU B 67 -4.78 4.76 20.34
C LEU B 67 -4.94 3.93 21.60
N ASP B 68 -3.99 4.07 22.54
CA ASP B 68 -4.09 3.42 23.87
C ASP B 68 -5.37 4.02 24.51
N ASP B 69 -5.89 3.36 25.55
CA ASP B 69 -7.17 3.66 26.19
C ASP B 69 -7.45 5.16 26.45
N GLN B 70 -6.56 5.83 27.19
CA GLN B 70 -6.76 7.24 27.56
C GLN B 70 -6.57 8.21 26.39
N ASP B 71 -5.63 7.92 25.50
CA ASP B 71 -5.49 8.72 24.29
C ASP B 71 -6.75 8.61 23.41
N ALA B 72 -7.33 7.40 23.32
CA ALA B 72 -8.60 7.22 22.57
C ALA B 72 -9.70 8.13 23.16
N ILE B 73 -9.71 8.24 24.47
CA ILE B 73 -10.82 8.89 25.12
C ILE B 73 -10.66 10.36 24.89
N ALA B 74 -9.41 10.81 24.94
CA ALA B 74 -9.06 12.19 24.67
C ALA B 74 -9.46 12.59 23.25
N VAL B 75 -9.08 11.74 22.27
CA VAL B 75 -9.44 11.97 20.87
C VAL B 75 -10.95 12.06 20.65
N GLU B 76 -11.71 11.16 21.27
CA GLU B 76 -13.18 11.11 21.15
C GLU B 76 -13.84 12.40 21.71
N ALA B 77 -13.31 12.88 22.83
CA ALA B 77 -13.74 14.15 23.38
C ALA B 77 -13.49 15.24 22.34
N ALA B 78 -12.33 15.19 21.67
CA ALA B 78 -11.98 16.18 20.63
C ALA B 78 -12.88 16.14 19.37
N CYS B 79 -13.75 15.14 19.27
CA CYS B 79 -14.58 14.99 18.06
C CYS B 79 -15.80 15.90 18.11
N THR B 80 -15.98 16.56 19.25
CA THR B 80 -17.09 17.47 19.49
C THR B 80 -18.38 16.69 19.31
N ASN B 81 -19.39 17.25 18.66
CA ASN B 81 -20.64 16.47 18.53
C ASN B 81 -20.72 15.55 17.31
N VAL B 82 -19.60 15.38 16.62
CA VAL B 82 -19.60 14.70 15.33
C VAL B 82 -19.35 13.25 15.58
N PRO B 83 -20.26 12.38 15.11
CA PRO B 83 -20.12 10.90 15.26
C PRO B 83 -18.71 10.42 14.88
N ALA B 84 -18.05 9.72 15.80
CA ALA B 84 -16.70 9.21 15.60
C ALA B 84 -16.64 7.72 15.86
N LEU B 85 -15.82 7.04 15.07
CA LEU B 85 -15.73 5.60 15.13
C LEU B 85 -14.26 5.32 15.09
N PHE B 86 -13.81 4.53 16.04
CA PHE B 86 -12.41 4.22 16.19
C PHE B 86 -12.16 2.81 15.68
N LEU B 87 -11.13 2.63 14.86
CA LEU B 87 -10.84 1.26 14.36
C LEU B 87 -9.53 0.64 14.84
N ASP B 88 -8.71 1.40 15.56
CA ASP B 88 -7.42 0.87 16.01
C ASP B 88 -7.25 1.16 17.49
N VAL B 89 -8.06 0.46 18.26
CA VAL B 89 -8.18 0.60 19.70
C VAL B 89 -8.47 -0.80 20.26
N SER B 90 -8.38 -0.93 21.58
CA SER B 90 -8.83 -2.14 22.23
C SER B 90 -10.34 -2.05 22.43
N ASP B 91 -11.00 -3.17 22.59
CA ASP B 91 -12.42 -3.16 22.87
C ASP B 91 -12.78 -2.81 24.31
N GLN B 92 -11.80 -2.39 25.12
CA GLN B 92 -12.07 -2.06 26.50
C GLN B 92 -12.42 -0.60 26.68
N THR B 93 -12.13 0.19 25.66
CA THR B 93 -12.31 1.62 25.77
C THR B 93 -13.80 1.91 25.55
N PRO B 94 -14.39 2.76 26.41
CA PRO B 94 -15.79 3.20 26.27
C PRO B 94 -15.94 4.31 25.22
N ILE B 95 -15.69 3.95 23.96
CA ILE B 95 -15.90 4.80 22.82
C ILE B 95 -16.57 3.91 21.80
N ASN B 96 -17.04 4.54 20.71
CA ASN B 96 -17.49 3.84 19.49
C ASN B 96 -16.29 3.32 18.68
N SER B 97 -16.31 2.03 18.43
CA SER B 97 -15.18 1.34 17.86
C SER B 97 -15.68 0.09 17.15
N ILE B 98 -15.02 -0.26 16.05
CA ILE B 98 -15.20 -1.53 15.38
C ILE B 98 -13.82 -2.11 15.17
N ILE B 99 -13.55 -3.19 15.85
CA ILE B 99 -12.21 -3.74 15.76
C ILE B 99 -12.30 -5.21 15.50
N PHE B 100 -11.26 -5.75 14.90
CA PHE B 100 -11.18 -7.18 14.70
C PHE B 100 -10.87 -7.91 15.97
N SER B 101 -11.39 -9.11 16.10
CA SER B 101 -11.10 -9.91 17.27
C SER B 101 -9.66 -10.37 17.25
N HIS B 102 -8.86 -9.76 18.14
CA HIS B 102 -7.46 -10.13 18.38
C HIS B 102 -7.37 -11.43 19.17
N GLU B 103 -8.39 -11.74 19.99
CA GLU B 103 -8.47 -13.01 20.73
C GLU B 103 -8.43 -14.17 19.78
N ASP B 104 -9.31 -14.09 18.77
CA ASP B 104 -9.48 -15.08 17.70
C ASP B 104 -8.29 -15.13 16.73
N GLY B 105 -7.80 -13.97 16.30
CA GLY B 105 -6.63 -13.93 15.42
C GLY B 105 -5.46 -14.67 16.01
N THR B 106 -5.15 -14.40 17.27
CA THR B 106 -3.96 -14.94 17.94
C THR B 106 -4.17 -16.41 18.25
N ARG B 107 -5.36 -16.71 18.77
CA ARG B 107 -5.72 -18.11 19.08
C ARG B 107 -5.54 -18.94 17.83
N LEU B 108 -6.16 -18.46 16.73
CA LEU B 108 -6.10 -19.16 15.45
C LEU B 108 -4.68 -19.44 14.97
N GLY B 109 -3.84 -18.41 15.03
CA GLY B 109 -2.43 -18.59 14.67
C GLY B 109 -1.78 -19.59 15.59
N VAL B 110 -1.91 -19.38 16.90
CA VAL B 110 -1.24 -20.27 17.87
C VAL B 110 -1.73 -21.71 17.71
N GLU B 111 -3.06 -21.88 17.68
CA GLU B 111 -3.63 -23.24 17.60
C GLU B 111 -3.20 -23.97 16.32
N HIS B 112 -3.18 -23.23 15.21
CA HIS B 112 -2.78 -23.76 13.93
C HIS B 112 -1.37 -24.32 14.03
N LEU B 113 -0.45 -23.57 14.65
CA LEU B 113 0.93 -23.99 14.71
C LEU B 113 1.10 -25.14 15.69
N VAL B 114 0.50 -25.01 16.88
CA VAL B 114 0.49 -26.14 17.82
C VAL B 114 -0.13 -27.37 17.15
N ALA B 115 -1.28 -27.21 16.51
CA ALA B 115 -1.93 -28.31 15.78
C ALA B 115 -0.98 -28.99 14.80
N LEU B 116 -0.04 -28.21 14.24
CA LEU B 116 0.91 -28.73 13.26
C LEU B 116 2.17 -29.30 13.91
N GLY B 117 2.22 -29.29 15.22
CA GLY B 117 3.28 -29.98 15.93
C GLY B 117 4.43 -29.03 16.25
N HIS B 118 4.22 -27.73 16.05
CA HIS B 118 5.26 -26.73 16.32
C HIS B 118 5.38 -26.41 17.79
N GLN B 119 6.62 -26.34 18.27
CA GLN B 119 6.87 -26.10 19.68
C GLN B 119 7.82 -24.99 19.86
N GLN B 120 8.60 -24.75 18.81
CA GLN B 120 9.61 -23.70 18.82
C GLN B 120 9.08 -22.54 17.97
N ILE B 121 8.41 -21.59 18.64
CA ILE B 121 7.62 -20.55 17.96
C ILE B 121 8.18 -19.21 18.31
N ALA B 122 8.59 -18.47 17.30
CA ALA B 122 9.06 -17.12 17.49
C ALA B 122 7.91 -16.14 17.17
N LEU B 123 7.89 -15.03 17.88
CA LEU B 123 6.88 -13.99 17.68
C LEU B 123 7.55 -12.78 17.04
N LEU B 124 6.96 -12.26 15.95
CA LEU B 124 7.38 -11.01 15.39
C LEU B 124 6.21 -10.02 15.53
N ALA B 125 6.30 -9.18 16.56
CA ALA B 125 5.28 -8.22 16.86
C ALA B 125 5.34 -6.92 16.04
N GLY B 126 4.20 -6.25 15.95
CA GLY B 126 4.22 -4.90 15.43
C GLY B 126 4.95 -4.00 16.40
N PRO B 127 5.06 -2.70 16.07
CA PRO B 127 5.69 -1.76 17.00
C PRO B 127 4.79 -1.69 18.22
N LEU B 128 5.38 -1.72 19.42
CA LEU B 128 4.57 -1.85 20.63
C LEU B 128 3.93 -0.54 21.02
N SER B 129 4.29 0.54 20.34
CA SER B 129 3.55 1.81 20.48
C SER B 129 2.15 1.68 19.93
N SER B 130 1.90 0.65 19.10
CA SER B 130 0.56 0.45 18.59
C SER B 130 -0.32 -0.42 19.54
N VAL B 131 -1.47 0.11 19.98
CA VAL B 131 -2.37 -0.70 20.81
C VAL B 131 -2.71 -2.06 20.20
N SER B 132 -2.85 -2.11 18.88
CA SER B 132 -3.25 -3.32 18.20
C SER B 132 -2.10 -4.36 18.12
N ALA B 133 -0.87 -3.90 17.90
CA ALA B 133 0.30 -4.75 17.98
C ALA B 133 0.46 -5.34 19.38
N ARG B 134 0.33 -4.51 20.42
CA ARG B 134 0.29 -5.02 21.83
C ARG B 134 -0.83 -6.04 22.05
N LEU B 135 -2.00 -5.80 21.49
CA LEU B 135 -3.16 -6.73 21.69
C LEU B 135 -2.86 -8.05 21.06
N ARG B 136 -2.14 -8.03 19.93
CA ARG B 136 -1.83 -9.30 19.23
C ARG B 136 -0.74 -10.06 19.96
N LEU B 137 0.30 -9.35 20.40
CA LEU B 137 1.33 -9.94 21.26
C LEU B 137 0.72 -10.56 22.49
N ALA B 138 -0.15 -9.79 23.14
CA ALA B 138 -0.80 -10.28 24.35
C ALA B 138 -1.59 -11.53 24.05
N GLY B 139 -2.28 -11.58 22.91
CA GLY B 139 -3.10 -12.77 22.61
C GLY B 139 -2.17 -13.95 22.31
N TRP B 140 -1.04 -13.69 21.67
CA TRP B 140 -0.10 -14.77 21.33
C TRP B 140 0.41 -15.39 22.62
N HIS B 141 0.75 -14.53 23.57
CA HIS B 141 1.19 -14.94 24.89
C HIS B 141 0.13 -15.76 25.60
N LYS B 142 -1.06 -15.21 25.71
CA LYS B 142 -2.23 -15.91 26.30
C LYS B 142 -2.36 -17.34 25.80
N TYR B 143 -2.48 -17.53 24.49
CA TYR B 143 -2.66 -18.85 23.90
C TYR B 143 -1.41 -19.77 23.91
N LEU B 144 -0.21 -19.22 23.75
CA LEU B 144 1.00 -20.01 23.99
C LEU B 144 1.12 -20.49 25.46
N THR B 145 0.83 -19.58 26.41
CA THR B 145 0.89 -19.90 27.84
C THR B 145 -0.18 -20.97 28.19
N ARG B 146 -1.37 -20.84 27.63
CA ARG B 146 -2.40 -21.86 27.79
C ARG B 146 -1.87 -23.21 27.36
N ASN B 147 -1.06 -23.22 26.31
CA ASN B 147 -0.55 -24.45 25.71
C ASN B 147 0.73 -24.86 26.40
N GLN B 148 1.03 -24.12 27.47
CA GLN B 148 2.26 -24.29 28.29
C GLN B 148 3.50 -24.28 27.42
N ILE B 149 3.52 -23.35 26.47
CA ILE B 149 4.65 -23.15 25.53
C ILE B 149 5.17 -21.76 25.79
N GLN B 150 6.48 -21.61 25.76
CA GLN B 150 7.06 -20.31 25.79
C GLN B 150 7.66 -20.01 24.43
N PRO B 151 7.47 -18.78 23.93
CA PRO B 151 8.10 -18.50 22.63
C PRO B 151 9.61 -18.58 22.77
N ILE B 152 10.30 -19.04 21.72
CA ILE B 152 11.75 -19.18 21.79
C ILE B 152 12.44 -17.89 21.40
N ALA B 153 11.68 -16.98 20.82
CA ALA B 153 12.18 -15.64 20.54
C ALA B 153 10.98 -14.73 20.38
N GLU B 154 11.14 -13.48 20.73
CA GLU B 154 10.13 -12.51 20.38
C GLU B 154 10.73 -11.18 20.06
N ARG B 155 10.36 -10.68 18.88
CA ARG B 155 10.99 -9.48 18.33
C ARG B 155 9.94 -8.45 17.92
N GLU B 156 10.41 -7.26 17.62
CA GLU B 156 9.49 -6.18 17.29
C GLU B 156 9.95 -5.53 15.97
N GLY B 157 9.01 -5.41 15.03
CA GLY B 157 9.28 -4.73 13.78
C GLY B 157 8.49 -3.42 13.82
N ASP B 158 8.30 -2.81 12.65
CA ASP B 158 7.63 -1.53 12.59
C ASP B 158 6.52 -1.62 11.55
N TRP B 159 6.12 -2.85 11.25
CA TRP B 159 5.09 -3.17 10.27
C TRP B 159 5.63 -3.27 8.83
N SER B 160 6.85 -2.79 8.56
CA SER B 160 7.38 -2.84 7.21
C SER B 160 8.03 -4.20 6.94
N ALA B 161 8.12 -4.54 5.66
CA ALA B 161 8.73 -5.78 5.21
C ALA B 161 10.13 -5.85 5.69
N MET B 162 10.88 -4.75 5.55
CA MET B 162 12.28 -4.68 5.90
C MET B 162 12.47 -4.98 7.38
N SER B 163 11.59 -4.45 8.22
CA SER B 163 11.67 -4.78 9.67
C SER B 163 11.53 -6.30 9.90
N GLY B 164 10.60 -6.91 9.18
CA GLY B 164 10.43 -8.36 9.20
C GLY B 164 11.71 -9.08 8.77
N PHE B 165 12.37 -8.57 7.73
CA PHE B 165 13.66 -9.11 7.25
C PHE B 165 14.78 -8.87 8.25
N GLN B 166 14.92 -7.63 8.70
CA GLN B 166 15.99 -7.29 9.68
C GLN B 166 15.87 -8.15 10.97
N GLN B 167 14.68 -8.16 11.54
CA GLN B 167 14.43 -8.87 12.81
C GLN B 167 14.65 -10.40 12.68
N THR B 168 14.19 -10.99 11.60
CA THR B 168 14.31 -12.43 11.41
C THR B 168 15.75 -12.84 11.13
N MET B 169 16.46 -12.08 10.29
CA MET B 169 17.91 -12.27 10.13
C MET B 169 18.73 -12.11 11.43
N GLN B 170 18.44 -11.07 12.21
CA GLN B 170 19.07 -10.85 13.52
C GLN B 170 18.80 -12.11 14.38
N MET B 171 17.54 -12.55 14.40
CA MET B 171 17.18 -13.73 15.14
C MET B 171 18.02 -14.94 14.75
N LEU B 172 18.13 -15.22 13.45
CA LEU B 172 18.77 -16.44 12.96
C LEU B 172 20.28 -16.37 13.09
N ASN B 173 20.81 -15.16 12.99
CA ASN B 173 22.23 -14.91 13.17
C ASN B 173 22.67 -15.09 14.64
N GLU B 174 21.74 -14.84 15.55
CA GLU B 174 21.92 -15.15 16.97
C GLU B 174 21.83 -16.67 17.25
N GLY B 175 21.59 -17.48 16.24
CA GLY B 175 21.49 -18.91 16.44
C GLY B 175 20.14 -19.30 17.01
N ILE B 176 19.24 -18.34 17.13
CA ILE B 176 17.89 -18.66 17.55
C ILE B 176 17.10 -19.04 16.30
N VAL B 177 16.74 -20.32 16.22
CA VAL B 177 16.13 -20.88 15.02
C VAL B 177 14.77 -21.58 15.33
N PRO B 178 13.64 -20.88 15.09
CA PRO B 178 12.34 -21.48 15.39
C PRO B 178 11.95 -22.49 14.30
N THR B 179 10.87 -23.27 14.53
CA THR B 179 10.28 -24.01 13.43
C THR B 179 9.04 -23.28 12.87
N ALA B 180 8.64 -22.17 13.50
CA ALA B 180 7.48 -21.40 13.05
C ALA B 180 7.53 -20.00 13.63
N MET B 181 6.87 -19.05 12.97
CA MET B 181 6.84 -17.72 13.48
C MET B 181 5.46 -17.19 13.30
N LEU B 182 5.00 -16.47 14.30
CA LEU B 182 3.73 -15.75 14.22
C LEU B 182 4.14 -14.35 14.02
N VAL B 183 3.70 -13.78 12.89
CA VAL B 183 4.12 -12.42 12.52
C VAL B 183 2.90 -11.50 12.59
N ALA B 184 3.06 -10.30 13.13
CA ALA B 184 1.91 -9.42 13.37
C ALA B 184 1.25 -8.75 12.18
N ASN B 185 1.92 -8.76 11.00
CA ASN B 185 1.28 -8.38 9.71
C ASN B 185 1.92 -9.10 8.52
N ASP B 186 1.29 -9.02 7.35
CA ASP B 186 1.76 -9.69 6.15
C ASP B 186 3.02 -9.03 5.60
N GLN B 187 3.15 -7.72 5.77
CA GLN B 187 4.37 -7.07 5.24
C GLN B 187 5.60 -7.55 5.94
N MET B 188 5.56 -7.61 7.29
CA MET B 188 6.69 -8.13 8.05
C MET B 188 6.89 -9.60 7.73
N ALA B 189 5.80 -10.33 7.48
CA ALA B 189 5.88 -11.75 7.19
C ALA B 189 6.63 -11.90 5.87
N LEU B 190 6.39 -10.98 4.94
CA LEU B 190 7.16 -10.97 3.68
C LEU B 190 8.65 -10.86 3.97
N GLY B 191 9.04 -9.89 4.78
CA GLY B 191 10.42 -9.75 5.19
C GLY B 191 10.95 -11.02 5.87
N ALA B 192 10.13 -11.65 6.75
CA ALA B 192 10.55 -12.83 7.50
C ALA B 192 10.80 -13.97 6.55
N MET B 193 9.89 -14.09 5.58
CA MET B 193 10.01 -15.12 4.55
C MET B 193 11.28 -14.89 3.69
N ARG B 194 11.55 -13.66 3.30
CA ARG B 194 12.87 -13.36 2.65
C ARG B 194 14.08 -13.78 3.51
N ALA B 195 14.05 -13.44 4.80
CA ALA B 195 15.14 -13.80 5.71
C ALA B 195 15.36 -15.33 5.77
N ILE B 196 14.27 -16.07 5.98
CA ILE B 196 14.28 -17.49 6.06
C ILE B 196 14.86 -18.13 4.78
N THR B 197 14.32 -17.73 3.63
CA THR B 197 14.76 -18.18 2.32
C THR B 197 16.23 -17.88 2.09
N GLU B 198 16.66 -16.65 2.36
CA GLU B 198 18.08 -16.30 2.11
C GLU B 198 19.04 -16.86 3.13
N SER B 199 18.50 -17.46 4.21
CA SER B 199 19.32 -18.12 5.21
C SER B 199 19.57 -19.56 4.82
N GLY B 200 18.90 -20.01 3.74
CA GLY B 200 19.07 -21.34 3.19
C GLY B 200 17.94 -22.26 3.58
N LEU B 201 16.89 -21.69 4.16
CA LEU B 201 15.82 -22.55 4.69
C LEU B 201 14.56 -22.41 3.86
N ARG B 202 13.66 -23.38 3.99
CA ARG B 202 12.41 -23.43 3.26
C ARG B 202 11.31 -22.90 4.14
N VAL B 203 10.64 -21.84 3.70
CA VAL B 203 9.41 -21.40 4.35
C VAL B 203 8.37 -22.51 4.20
N GLY B 204 7.70 -22.85 5.30
CA GLY B 204 6.75 -23.95 5.33
C GLY B 204 7.46 -25.09 6.04
N ALA B 205 8.36 -25.77 5.31
CA ALA B 205 8.91 -27.06 5.77
C ALA B 205 9.95 -26.89 6.86
N ASP B 206 10.81 -25.88 6.72
CA ASP B 206 11.76 -25.56 7.74
C ASP B 206 11.20 -24.58 8.75
N ILE B 207 10.73 -23.42 8.31
CA ILE B 207 10.20 -22.42 9.26
C ILE B 207 8.88 -21.97 8.70
N SER B 208 7.81 -22.40 9.35
CA SER B 208 6.46 -21.97 9.00
C SER B 208 6.20 -20.54 9.37
N VAL B 209 5.33 -19.88 8.62
CA VAL B 209 5.06 -18.48 8.89
C VAL B 209 3.56 -18.22 8.83
N VAL B 210 3.08 -17.50 9.83
CA VAL B 210 1.71 -17.05 9.78
C VAL B 210 1.77 -15.57 9.83
N GLY B 211 1.10 -14.90 8.90
CA GLY B 211 1.10 -13.45 8.88
C GLY B 211 -0.16 -12.94 9.48
N TYR B 212 -0.49 -11.68 9.23
CA TYR B 212 -1.71 -11.13 9.83
C TYR B 212 -2.20 -10.02 8.92
N ASP B 213 -3.48 -10.14 8.54
CA ASP B 213 -4.22 -9.12 7.75
C ASP B 213 -4.87 -9.70 6.53
N ASP B 214 -4.23 -10.70 5.92
CA ASP B 214 -4.44 -11.01 4.51
C ASP B 214 -4.54 -9.73 3.67
N THR B 215 -3.49 -8.91 3.65
CA THR B 215 -3.48 -7.78 2.71
C THR B 215 -3.29 -8.30 1.29
N GLU B 216 -3.65 -7.46 0.34
CA GLU B 216 -3.85 -7.93 -1.06
C GLU B 216 -2.74 -8.75 -1.67
N ASP B 217 -1.47 -8.33 -1.51
CA ASP B 217 -0.30 -8.97 -2.08
C ASP B 217 -0.02 -10.38 -1.58
N SER B 218 -0.62 -10.76 -0.45
CA SER B 218 -0.04 -11.87 0.25
C SER B 218 -0.32 -13.21 -0.42
N SER B 219 -1.38 -13.24 -1.25
CA SER B 219 -1.70 -14.43 -2.06
C SER B 219 -0.64 -14.63 -3.14
N CYS B 220 0.23 -13.64 -3.29
CA CYS B 220 1.28 -13.66 -4.29
C CYS B 220 2.67 -13.66 -3.73
N TYR B 221 2.82 -13.77 -2.40
CA TYR B 221 4.16 -13.93 -1.84
C TYR B 221 4.65 -15.29 -2.26
N ILE B 222 5.89 -15.64 -1.95
CA ILE B 222 6.50 -16.91 -2.38
C ILE B 222 7.10 -17.67 -1.18
N PRO B 223 6.41 -18.70 -0.67
CA PRO B 223 5.15 -19.20 -1.19
C PRO B 223 3.98 -18.34 -0.65
N PRO B 224 2.78 -18.48 -1.22
CA PRO B 224 1.69 -17.62 -0.80
C PRO B 224 1.43 -17.82 0.69
N LEU B 225 0.99 -16.74 1.34
CA LEU B 225 1.16 -16.61 2.80
C LEU B 225 -0.09 -17.04 3.57
N THR B 226 0.12 -18.05 4.42
CA THR B 226 -0.85 -18.35 5.49
C THR B 226 -0.94 -17.17 6.47
N THR B 227 -2.16 -16.74 6.74
CA THR B 227 -2.35 -15.47 7.44
C THR B 227 -3.71 -15.41 8.08
N ILE B 228 -3.81 -14.53 9.06
CA ILE B 228 -5.06 -14.21 9.71
C ILE B 228 -5.67 -13.12 8.87
N LYS B 229 -6.73 -13.50 8.15
CA LYS B 229 -7.41 -12.55 7.31
C LYS B 229 -8.30 -11.65 8.15
N GLN B 230 -8.12 -10.35 7.99
CA GLN B 230 -9.04 -9.36 8.53
C GLN B 230 -9.71 -8.69 7.36
N ASP B 231 -11.00 -8.84 7.29
CA ASP B 231 -11.74 -8.41 6.10
C ASP B 231 -11.95 -6.90 6.15
N PHE B 232 -11.05 -6.19 5.47
CA PHE B 232 -11.11 -4.73 5.40
C PHE B 232 -12.33 -4.20 4.66
N ARG B 233 -12.85 -4.99 3.72
CA ARG B 233 -14.11 -4.72 3.02
C ARG B 233 -15.21 -4.64 4.03
N LEU B 234 -15.29 -5.68 4.84
CA LEU B 234 -16.25 -5.74 5.93
C LEU B 234 -16.12 -4.57 6.89
N LEU B 235 -14.90 -4.32 7.35
CA LEU B 235 -14.60 -3.17 8.19
C LEU B 235 -15.07 -1.85 7.56
N GLY B 236 -14.81 -1.71 6.25
CA GLY B 236 -15.22 -0.54 5.53
C GLY B 236 -16.73 -0.39 5.53
N GLN B 237 -17.41 -1.46 5.17
CA GLN B 237 -18.85 -1.45 5.03
C GLN B 237 -19.49 -1.19 6.38
N THR B 238 -19.07 -1.97 7.39
CA THR B 238 -19.66 -1.85 8.72
C THR B 238 -19.42 -0.48 9.32
N SER B 239 -18.21 0.08 9.16
CA SER B 239 -17.95 1.36 9.76
C SER B 239 -18.67 2.53 9.07
N VAL B 240 -18.83 2.47 7.75
CA VAL B 240 -19.62 3.49 7.03
C VAL B 240 -21.11 3.37 7.42
N ASP B 241 -21.67 2.16 7.32
CA ASP B 241 -23.04 1.96 7.80
C ASP B 241 -23.29 2.51 9.18
N ARG B 242 -22.47 2.08 10.15
CA ARG B 242 -22.67 2.45 11.53
C ARG B 242 -22.48 3.96 11.77
N LEU B 243 -21.60 4.59 11.00
CA LEU B 243 -21.33 6.02 11.14
C LEU B 243 -22.57 6.80 10.69
N LEU B 244 -23.13 6.41 9.56
CA LEU B 244 -24.34 7.07 9.09
C LEU B 244 -25.57 6.77 9.97
N GLN B 245 -25.67 5.56 10.52
CA GLN B 245 -26.69 5.29 11.56
C GLN B 245 -26.52 6.25 12.73
N LEU B 246 -25.29 6.36 13.23
CA LEU B 246 -24.95 7.24 14.36
C LEU B 246 -25.27 8.69 14.02
N SER B 247 -24.91 9.07 12.79
CA SER B 247 -25.13 10.39 12.22
C SER B 247 -26.56 10.85 12.48
N GLN B 248 -27.51 9.97 12.16
CA GLN B 248 -28.92 10.15 12.50
C GLN B 248 -29.04 10.21 14.02
N GLY B 249 -29.44 9.14 14.67
CA GLY B 249 -29.45 9.15 16.15
C GLY B 249 -29.85 7.83 16.75
N GLN B 250 -29.45 6.76 16.05
CA GLN B 250 -30.02 5.44 16.22
C GLN B 250 -29.04 4.32 15.87
N ALA B 251 -27.93 4.26 16.59
CA ALA B 251 -26.96 3.16 16.38
C ALA B 251 -26.47 2.53 17.68
N VAL B 252 -25.93 1.31 17.54
CA VAL B 252 -25.21 0.68 18.63
C VAL B 252 -24.05 1.59 19.03
N LYS B 253 -23.89 1.82 20.34
CA LYS B 253 -22.99 2.86 20.84
C LYS B 253 -21.58 2.45 21.31
N GLY B 254 -21.32 1.18 21.61
CA GLY B 254 -19.95 0.85 22.08
C GLY B 254 -19.02 0.18 21.07
N ASN B 255 -18.33 -0.86 21.52
CA ASN B 255 -17.47 -1.64 20.66
C ASN B 255 -18.24 -2.71 19.89
N GLN B 256 -17.87 -2.91 18.62
CA GLN B 256 -18.23 -4.14 17.91
C GLN B 256 -16.98 -4.90 17.55
N LEU B 257 -17.05 -6.22 17.67
CA LEU B 257 -15.91 -7.05 17.34
C LEU B 257 -16.23 -7.70 16.03
N LEU B 258 -15.31 -7.58 15.08
CA LEU B 258 -15.48 -8.29 13.82
C LEU B 258 -14.71 -9.59 13.87
N PRO B 259 -15.25 -10.64 13.22
CA PRO B 259 -14.53 -11.90 13.18
C PRO B 259 -13.31 -11.78 12.30
N VAL B 260 -12.40 -12.73 12.43
CA VAL B 260 -11.27 -12.86 11.54
C VAL B 260 -11.23 -14.32 11.21
N SER B 261 -10.36 -14.73 10.31
CA SER B 261 -10.33 -16.13 9.92
C SER B 261 -8.92 -16.47 9.55
N LEU B 262 -8.60 -17.76 9.60
CA LEU B 262 -7.30 -18.23 9.21
C LEU B 262 -7.37 -18.64 7.75
N VAL B 263 -6.55 -18.00 6.92
CA VAL B 263 -6.48 -18.37 5.51
C VAL B 263 -5.25 -19.23 5.36
N LYS B 264 -5.43 -20.51 5.12
CA LYS B 264 -4.30 -21.41 4.93
C LYS B 264 -3.82 -21.41 3.51
N ARG B 265 -2.55 -21.11 3.32
CA ARG B 265 -1.95 -21.15 2.01
C ARG B 265 -0.76 -22.11 2.07
N LYS B 266 0.45 -21.60 1.83
CA LYS B 266 1.60 -22.47 1.63
C LYS B 266 2.80 -22.28 2.62
N THR B 267 2.65 -21.43 3.61
CA THR B 267 3.79 -21.11 4.44
C THR B 267 3.78 -21.83 5.81
N THR B 268 2.83 -22.74 6.00
CA THR B 268 2.76 -23.59 7.21
C THR B 268 2.70 -25.10 6.84
N LEU B 269 3.27 -25.94 7.69
CA LEU B 269 3.44 -27.38 7.42
C LEU B 269 3.85 -28.09 8.70
#